data_6Q0N
#
_entry.id   6Q0N
#
_cell.length_a   33.060
_cell.length_b   35.359
_cell.length_c   38.676
_cell.angle_alpha   83.880
_cell.angle_beta   75.480
_cell.angle_gamma   68.990
#
_symmetry.space_group_name_H-M   'P 1'
#
loop_
_entity.id
_entity.type
_entity.pdbx_description
1 polymer Erbin
2 polymer peptide
3 water water
#
loop_
_entity_poly.entity_id
_entity_poly.type
_entity_poly.pdbx_seq_one_letter_code
_entity_poly.pdbx_strand_id
1 'polypeptide(L)'
;SSMEIRVRVEKDPELGFSISGGVGGRGNPFRPDDDGIFVTRVQPEGPASKLLQPGDKIIQANGYSFINIEHGQAVSLLKT
FQNTVELIIVREV
;
A,B
2 'polypeptide(L)' TGYETWV C,D
#
# COMPACT_ATOMS: atom_id res chain seq x y z
N SER A 1 -14.00 2.94 0.96
N SER A 1 -15.51 3.09 -0.43
CA SER A 1 -14.44 2.18 -0.25
CA SER A 1 -14.39 2.13 -0.19
C SER A 1 -13.41 2.36 -1.35
C SER A 1 -13.35 2.28 -1.30
N SER A 2 -13.58 1.64 -2.45
CA SER A 2 -12.68 1.78 -3.58
C SER A 2 -13.16 2.98 -4.37
N MET A 3 -12.22 3.78 -4.85
CA MET A 3 -12.55 4.96 -5.63
C MET A 3 -11.61 5.01 -6.83
N GLU A 4 -12.12 5.57 -7.94
CA GLU A 4 -11.29 5.87 -9.11
C GLU A 4 -10.80 7.29 -8.96
N ILE A 5 -9.49 7.44 -8.93
CA ILE A 5 -8.83 8.70 -8.69
C ILE A 5 -8.01 9.04 -9.94
N ARG A 6 -8.00 10.31 -10.31
CA ARG A 6 -7.16 10.78 -11.40
C ARG A 6 -5.95 11.50 -10.82
N VAL A 7 -4.76 11.10 -11.29
CA VAL A 7 -3.54 11.82 -10.97
C VAL A 7 -2.77 12.02 -12.25
N ARG A 8 -1.95 13.04 -12.27
CA ARG A 8 -1.09 13.28 -13.42
C ARG A 8 0.35 13.27 -12.92
N VAL A 9 1.16 12.39 -13.47
CA VAL A 9 2.55 12.25 -13.06
C VAL A 9 3.41 12.86 -14.14
N GLU A 10 4.28 13.76 -13.74
CA GLU A 10 5.26 14.36 -14.65
C GLU A 10 6.50 13.49 -14.71
N LYS A 11 6.99 13.22 -15.92
CA LYS A 11 8.25 12.50 -16.04
C LYS A 11 9.40 13.39 -15.59
N ASP A 12 10.26 12.85 -14.75
CA ASP A 12 11.33 13.66 -14.20
C ASP A 12 12.47 12.79 -13.64
N PRO A 13 13.13 11.98 -14.48
CA PRO A 13 12.88 11.90 -15.92
C PRO A 13 11.92 10.81 -16.33
N GLU A 14 11.57 9.94 -15.37
N GLU A 14 11.58 9.93 -15.37
CA GLU A 14 10.54 8.93 -15.62
CA GLU A 14 10.58 8.88 -15.60
C GLU A 14 9.49 9.09 -14.53
C GLU A 14 9.47 9.10 -14.58
N LEU A 15 8.63 8.11 -14.36
CA LEU A 15 7.49 8.31 -13.49
C LEU A 15 7.81 8.06 -12.04
N GLY A 16 8.84 7.29 -11.74
CA GLY A 16 9.24 7.09 -10.37
C GLY A 16 8.42 6.10 -9.59
N PHE A 17 7.89 5.09 -10.25
CA PHE A 17 7.22 4.02 -9.54
C PHE A 17 7.40 2.74 -10.33
N SER A 18 7.12 1.62 -9.68
CA SER A 18 7.18 0.32 -10.34
C SER A 18 5.78 -0.29 -10.41
N ILE A 19 5.60 -1.17 -11.38
CA ILE A 19 4.35 -1.89 -11.54
C ILE A 19 4.58 -3.38 -11.55
N SER A 20 3.61 -4.11 -11.03
CA SER A 20 3.51 -5.55 -11.14
C SER A 20 2.15 -5.88 -11.72
N GLY A 21 2.03 -7.08 -12.22
CA GLY A 21 0.77 -7.58 -12.70
C GLY A 21 0.66 -7.56 -14.20
N GLY A 22 -0.57 -7.62 -14.66
CA GLY A 22 -0.88 -7.70 -16.07
C GLY A 22 -1.18 -9.13 -16.49
N VAL A 23 -1.88 -9.26 -17.62
CA VAL A 23 -2.10 -10.59 -18.17
C VAL A 23 -0.74 -11.18 -18.49
N GLY A 24 -0.42 -12.31 -17.86
CA GLY A 24 0.89 -12.90 -18.01
C GLY A 24 2.00 -12.33 -17.16
N GLY A 25 1.69 -11.47 -16.19
CA GLY A 25 2.71 -10.91 -15.31
C GLY A 25 2.99 -11.69 -14.06
N ARG A 26 2.28 -12.82 -13.89
N ARG A 26 2.43 -12.87 -13.86
CA ARG A 26 2.47 -13.77 -12.77
CA ARG A 26 2.70 -13.71 -12.69
C ARG A 26 2.12 -13.15 -11.43
C ARG A 26 2.07 -13.20 -11.40
N GLY A 27 1.17 -12.23 -11.45
CA GLY A 27 0.47 -11.79 -10.27
C GLY A 27 1.02 -10.51 -9.71
N ASN A 28 0.54 -10.20 -8.51
CA ASN A 28 0.89 -8.95 -7.83
C ASN A 28 0.82 -9.21 -6.35
N PRO A 29 1.43 -8.35 -5.52
CA PRO A 29 1.49 -8.64 -4.08
C PRO A 29 0.22 -8.28 -3.32
N PHE A 30 -0.82 -7.78 -3.98
CA PHE A 30 -1.98 -7.22 -3.29
C PHE A 30 -3.24 -8.06 -3.46
N ARG A 31 -3.66 -8.27 -4.69
CA ARG A 31 -4.91 -8.97 -5.00
C ARG A 31 -4.47 -10.08 -5.95
N PRO A 32 -4.04 -11.21 -5.41
CA PRO A 32 -3.48 -12.26 -6.29
C PRO A 32 -4.44 -12.74 -7.36
N ASP A 33 -5.75 -12.68 -7.12
CA ASP A 33 -6.74 -13.14 -8.08
C ASP A 33 -7.07 -12.09 -9.14
N ASP A 34 -6.32 -11.00 -9.22
CA ASP A 34 -6.59 -9.90 -10.14
C ASP A 34 -5.44 -9.82 -11.14
N ASP A 35 -5.78 -9.83 -12.44
CA ASP A 35 -4.78 -9.71 -13.49
C ASP A 35 -4.28 -8.29 -13.68
N GLY A 36 -4.77 -7.35 -12.91
CA GLY A 36 -4.53 -5.95 -13.15
C GLY A 36 -3.10 -5.52 -12.86
N ILE A 37 -2.86 -4.26 -13.22
CA ILE A 37 -1.58 -3.58 -13.04
C ILE A 37 -1.60 -2.81 -11.74
N PHE A 38 -0.63 -3.08 -10.88
CA PHE A 38 -0.59 -2.50 -9.56
C PHE A 38 0.71 -1.75 -9.30
N VAL A 39 0.60 -0.55 -8.75
CA VAL A 39 1.75 0.19 -8.28
C VAL A 39 2.36 -0.59 -7.13
N THR A 40 3.63 -0.91 -7.25
CA THR A 40 4.28 -1.78 -6.29
C THR A 40 5.22 -1.03 -5.37
N ARG A 41 6.09 -0.19 -5.93
N ARG A 41 6.09 -0.19 -5.91
CA ARG A 41 6.94 0.69 -5.15
CA ARG A 41 6.88 0.70 -5.09
C ARG A 41 6.88 2.09 -5.75
C ARG A 41 6.90 2.08 -5.74
N VAL A 42 7.08 3.10 -4.89
CA VAL A 42 7.09 4.51 -5.29
C VAL A 42 8.39 5.13 -4.80
N GLN A 43 9.12 5.76 -5.69
CA GLN A 43 10.35 6.42 -5.25
C GLN A 43 10.01 7.62 -4.38
N PRO A 44 10.57 7.70 -3.17
CA PRO A 44 10.13 8.76 -2.24
C PRO A 44 10.48 10.17 -2.66
N GLU A 45 11.51 10.35 -3.49
CA GLU A 45 11.83 11.69 -3.95
C GLU A 45 11.20 12.01 -5.28
N GLY A 46 10.53 11.04 -5.90
CA GLY A 46 10.24 11.11 -7.31
C GLY A 46 8.92 11.75 -7.64
N PRO A 47 8.62 11.80 -8.94
CA PRO A 47 7.44 12.53 -9.38
C PRO A 47 6.13 11.92 -8.94
N ALA A 48 6.12 10.67 -8.50
CA ALA A 48 4.87 10.04 -8.08
C ALA A 48 4.71 10.05 -6.57
N SER A 49 5.65 10.62 -5.85
CA SER A 49 5.67 10.45 -4.39
C SER A 49 4.45 11.08 -3.72
N LYS A 50 3.89 12.15 -4.27
CA LYS A 50 2.74 12.77 -3.64
C LYS A 50 1.42 12.33 -4.25
N LEU A 51 1.44 11.36 -5.16
CA LEU A 51 0.31 11.03 -6.00
C LEU A 51 -0.09 9.57 -5.92
N LEU A 52 0.87 8.66 -5.88
CA LEU A 52 0.60 7.24 -5.94
C LEU A 52 1.14 6.56 -4.71
N GLN A 53 0.56 5.40 -4.44
CA GLN A 53 1.00 4.63 -3.30
C GLN A 53 0.94 3.15 -3.65
N PRO A 54 1.76 2.34 -3.01
CA PRO A 54 1.71 0.91 -3.26
C PRO A 54 0.30 0.39 -3.05
N GLY A 55 -0.13 -0.46 -3.97
CA GLY A 55 -1.44 -1.04 -3.94
C GLY A 55 -2.40 -0.41 -4.92
N ASP A 56 -2.11 0.80 -5.39
CA ASP A 56 -2.99 1.44 -6.35
C ASP A 56 -3.05 0.58 -7.61
N LYS A 57 -4.24 0.42 -8.17
N LYS A 57 -4.25 0.39 -8.14
CA LYS A 57 -4.43 -0.35 -9.39
CA LYS A 57 -4.44 -0.34 -9.40
C LYS A 57 -4.63 0.62 -10.56
C LYS A 57 -4.58 0.68 -10.52
N ILE A 58 -3.72 0.60 -11.52
CA ILE A 58 -3.84 1.47 -12.68
C ILE A 58 -4.85 0.87 -13.66
N ILE A 59 -5.90 1.63 -13.97
CA ILE A 59 -6.90 1.17 -14.93
C ILE A 59 -6.90 1.96 -16.22
N GLN A 60 -6.20 3.09 -16.28
CA GLN A 60 -6.15 3.87 -17.50
C GLN A 60 -4.91 4.74 -17.46
N ALA A 61 -4.24 4.90 -18.59
CA ALA A 61 -3.09 5.79 -18.68
C ALA A 61 -3.20 6.57 -19.99
N ASN A 62 -3.28 7.88 -19.88
CA ASN A 62 -3.45 8.75 -21.05
C ASN A 62 -4.54 8.21 -21.99
N GLY A 63 -5.65 7.81 -21.38
CA GLY A 63 -6.77 7.35 -22.17
C GLY A 63 -6.78 5.89 -22.54
N TYR A 64 -5.66 5.19 -22.39
CA TYR A 64 -5.55 3.79 -22.76
C TYR A 64 -5.97 2.92 -21.59
N SER A 65 -6.87 1.99 -21.85
CA SER A 65 -7.30 1.09 -20.80
C SER A 65 -6.17 0.14 -20.38
N PHE A 66 -6.01 -0.03 -19.06
CA PHE A 66 -5.11 -1.03 -18.51
C PHE A 66 -5.87 -2.24 -17.95
N ILE A 67 -7.13 -2.40 -18.32
CA ILE A 67 -7.89 -3.58 -17.96
C ILE A 67 -7.59 -4.66 -18.99
N ASN A 68 -7.11 -5.81 -18.52
CA ASN A 68 -6.79 -6.93 -19.39
C ASN A 68 -5.64 -6.58 -20.34
N ILE A 69 -4.58 -5.98 -19.79
CA ILE A 69 -3.37 -5.62 -20.53
C ILE A 69 -2.24 -6.50 -20.06
N GLU A 70 -1.29 -6.80 -20.96
CA GLU A 70 -0.12 -7.60 -20.61
C GLU A 70 0.89 -6.74 -19.85
N HIS A 71 1.71 -7.40 -19.03
CA HIS A 71 2.72 -6.68 -18.24
C HIS A 71 3.61 -5.84 -19.16
N GLY A 72 4.15 -6.47 -20.21
CA GLY A 72 5.06 -5.77 -21.09
C GLY A 72 4.39 -4.65 -21.85
N GLN A 73 3.15 -4.83 -22.27
CA GLN A 73 2.43 -3.76 -22.96
C GLN A 73 2.25 -2.57 -22.03
N ALA A 74 1.87 -2.84 -20.77
CA ALA A 74 1.69 -1.78 -19.79
C ALA A 74 2.98 -1.02 -19.56
N VAL A 75 4.10 -1.75 -19.42
CA VAL A 75 5.38 -1.09 -19.20
C VAL A 75 5.75 -0.23 -20.40
N SER A 76 5.66 -0.81 -21.59
N SER A 76 5.68 -0.82 -21.60
CA SER A 76 6.05 -0.08 -22.79
CA SER A 76 6.04 -0.09 -22.81
C SER A 76 5.25 1.20 -22.96
C SER A 76 5.25 1.21 -22.93
N LEU A 77 3.94 1.13 -22.72
CA LEU A 77 3.09 2.31 -22.91
C LEU A 77 3.52 3.41 -21.97
N LEU A 78 3.62 3.09 -20.68
CA LEU A 78 4.06 4.08 -19.70
C LEU A 78 5.42 4.66 -20.07
N LYS A 79 6.33 3.85 -20.60
CA LYS A 79 7.65 4.36 -20.93
C LYS A 79 7.67 5.22 -22.18
N THR A 80 6.73 5.01 -23.10
CA THR A 80 6.81 5.67 -24.38
C THR A 80 6.25 7.08 -24.34
N PHE A 81 5.34 7.40 -23.44
CA PHE A 81 4.94 8.80 -23.30
C PHE A 81 6.12 9.65 -22.84
N GLN A 82 6.33 10.79 -23.49
CA GLN A 82 7.54 11.56 -23.25
C GLN A 82 7.48 12.43 -22.01
N ASN A 83 6.32 13.01 -21.71
CA ASN A 83 6.31 14.10 -20.74
C ASN A 83 5.45 13.88 -19.51
N THR A 84 4.21 13.44 -19.70
N THR A 84 4.22 13.41 -19.70
CA THR A 84 3.27 13.33 -18.61
CA THR A 84 3.27 13.35 -18.62
C THR A 84 2.37 12.14 -18.86
C THR A 84 2.34 12.16 -18.86
N VAL A 85 1.93 11.54 -17.77
CA VAL A 85 0.99 10.44 -17.83
C VAL A 85 -0.14 10.73 -16.86
N GLU A 86 -1.34 10.88 -17.41
CA GLU A 86 -2.55 10.98 -16.63
C GLU A 86 -3.03 9.57 -16.35
N LEU A 87 -3.13 9.24 -15.07
CA LEU A 87 -3.53 7.92 -14.65
C LEU A 87 -4.89 7.95 -14.00
N ILE A 88 -5.69 6.94 -14.28
CA ILE A 88 -6.84 6.63 -13.44
C ILE A 88 -6.47 5.41 -12.62
N ILE A 89 -6.53 5.53 -11.30
CA ILE A 89 -6.19 4.42 -10.42
C ILE A 89 -7.38 4.11 -9.53
N VAL A 90 -7.43 2.87 -9.08
CA VAL A 90 -8.39 2.43 -8.09
C VAL A 90 -7.65 2.26 -6.78
N ARG A 91 -8.15 2.93 -5.75
CA ARG A 91 -7.52 2.96 -4.45
C ARG A 91 -8.58 2.71 -3.39
N GLU A 92 -8.20 1.94 -2.39
CA GLU A 92 -9.00 1.73 -1.20
C GLU A 92 -8.87 2.99 -0.35
N VAL A 93 -9.96 3.74 -0.23
CA VAL A 93 -9.94 4.98 0.54
C VAL A 93 -10.93 4.89 1.71
N SER B 1 12.63 -6.04 27.18
CA SER B 1 12.93 -4.72 26.54
C SER B 1 12.15 -4.61 25.24
N SER B 2 12.51 -3.65 24.39
CA SER B 2 11.80 -3.45 23.13
C SER B 2 12.30 -4.46 22.12
N MET B 3 11.39 -5.19 21.50
N MET B 3 11.39 -5.18 21.50
CA MET B 3 11.73 -6.26 20.58
CA MET B 3 11.77 -6.22 20.55
C MET B 3 10.93 -6.09 19.30
C MET B 3 10.92 -6.14 19.29
N GLU B 4 11.52 -6.54 18.17
CA GLU B 4 10.81 -6.62 16.91
C GLU B 4 10.28 -8.03 16.78
N ILE B 5 8.97 -8.16 16.67
CA ILE B 5 8.29 -9.44 16.63
C ILE B 5 7.64 -9.58 15.26
N ARG B 6 7.71 -10.77 14.69
CA ARG B 6 7.01 -11.05 13.45
C ARG B 6 5.71 -11.79 13.76
N VAL B 7 4.63 -11.34 13.17
CA VAL B 7 3.37 -12.07 13.30
C VAL B 7 2.67 -12.06 11.95
N ARG B 8 1.95 -13.14 11.68
CA ARG B 8 1.15 -13.26 10.48
C ARG B 8 -0.31 -13.26 10.88
N VAL B 9 -1.09 -12.38 10.26
CA VAL B 9 -2.51 -12.27 10.53
C VAL B 9 -3.25 -12.62 9.24
N GLU B 10 -4.21 -13.54 9.34
CA GLU B 10 -4.99 -13.99 8.20
C GLU B 10 -6.35 -13.30 8.22
N LYS B 11 -6.70 -12.62 7.13
CA LYS B 11 -7.94 -11.87 7.10
C LYS B 11 -9.14 -12.80 7.15
N ASP B 12 -10.15 -12.40 7.90
CA ASP B 12 -11.31 -13.27 8.07
C ASP B 12 -12.54 -12.50 8.51
N PRO B 13 -13.03 -11.54 7.72
CA PRO B 13 -12.48 -11.16 6.42
C PRO B 13 -11.52 -9.98 6.51
N GLU B 14 -11.36 -9.43 7.70
CA GLU B 14 -10.42 -8.36 7.95
C GLU B 14 -9.36 -8.84 8.94
N LEU B 15 -8.44 -7.95 9.29
CA LEU B 15 -7.37 -8.33 10.20
C LEU B 15 -7.78 -8.30 11.67
N GLY B 16 -8.82 -7.55 12.01
CA GLY B 16 -9.30 -7.56 13.38
C GLY B 16 -8.50 -6.74 14.37
N PHE B 17 -7.93 -5.63 13.93
CA PHE B 17 -7.32 -4.68 14.84
C PHE B 17 -7.46 -3.30 14.23
N SER B 18 -7.31 -2.29 15.08
CA SER B 18 -7.37 -0.92 14.61
C SER B 18 -6.00 -0.28 14.77
N ILE B 19 -5.77 0.74 13.98
CA ILE B 19 -4.53 1.49 14.07
C ILE B 19 -4.80 2.97 14.26
N SER B 20 -3.92 3.62 15.01
CA SER B 20 -3.85 5.06 15.12
C SER B 20 -2.45 5.47 14.70
N GLY B 21 -2.29 6.75 14.41
CA GLY B 21 -1.00 7.34 14.17
C GLY B 21 -0.72 7.55 12.70
N GLY B 22 0.55 7.78 12.41
CA GLY B 22 1.02 8.10 11.08
C GLY B 22 1.58 9.52 11.00
N VAL B 23 2.49 9.71 10.05
CA VAL B 23 3.03 11.03 9.77
C VAL B 23 1.92 12.00 9.42
N GLY B 24 1.92 13.16 10.05
CA GLY B 24 0.87 14.13 9.86
C GLY B 24 -0.47 13.73 10.44
N GLY B 25 -0.51 12.62 11.18
CA GLY B 25 -1.75 12.11 11.72
C GLY B 25 -2.10 12.72 13.05
N ARG B 26 -3.09 12.10 13.69
CA ARG B 26 -3.67 12.66 14.91
C ARG B 26 -3.04 12.10 16.17
N GLY B 27 -1.92 11.40 16.06
CA GLY B 27 -1.28 10.84 17.20
C GLY B 27 -1.83 9.48 17.57
N ASN B 28 -1.47 9.05 18.77
CA ASN B 28 -1.85 7.73 19.24
C ASN B 28 -1.91 7.80 20.75
N PRO B 29 -2.59 6.86 21.40
CA PRO B 29 -2.78 6.98 22.85
C PRO B 29 -1.62 6.52 23.70
N PHE B 30 -0.53 6.04 23.10
CA PHE B 30 0.58 5.44 23.85
C PHE B 30 1.79 6.35 23.95
N ARG B 31 2.22 6.91 22.82
CA ARG B 31 3.47 7.67 22.75
C ARG B 31 3.13 8.94 22.00
N PRO B 32 2.81 10.02 22.72
CA PRO B 32 2.25 11.21 22.07
C PRO B 32 3.15 11.84 21.03
N ASP B 33 4.46 11.73 21.16
CA ASP B 33 5.36 12.42 20.22
C ASP B 33 5.93 11.50 19.14
N ASP B 34 5.54 10.22 19.14
CA ASP B 34 5.92 9.27 18.09
C ASP B 34 4.84 9.30 17.01
N ASP B 35 5.22 9.62 15.77
CA ASP B 35 4.24 9.65 14.69
C ASP B 35 4.04 8.29 14.01
N GLY B 36 4.46 7.21 14.66
CA GLY B 36 4.33 5.91 14.09
C GLY B 36 2.88 5.39 14.13
N ILE B 37 2.72 4.19 13.59
CA ILE B 37 1.47 3.48 13.48
C ILE B 37 1.40 2.49 14.63
N PHE B 38 0.35 2.58 15.44
CA PHE B 38 0.20 1.76 16.64
C PHE B 38 -1.11 0.98 16.57
N VAL B 39 -1.02 -0.31 16.92
CA VAL B 39 -2.20 -1.10 17.17
C VAL B 39 -2.92 -0.48 18.36
N THR B 40 -4.19 -0.17 18.19
CA THR B 40 -4.93 0.55 19.21
C THR B 40 -5.94 -0.32 19.94
N ARG B 41 -6.74 -1.05 19.20
CA ARG B 41 -7.61 -2.08 19.76
C ARG B 41 -7.47 -3.35 18.94
N VAL B 42 -7.63 -4.47 19.62
CA VAL B 42 -7.61 -5.79 19.00
C VAL B 42 -8.97 -6.42 19.23
N GLN B 43 -9.59 -6.89 18.16
CA GLN B 43 -10.91 -7.49 18.29
C GLN B 43 -10.79 -8.80 19.04
N PRO B 44 -11.46 -8.95 20.16
CA PRO B 44 -11.53 -10.27 20.80
C PRO B 44 -12.12 -11.26 19.82
N GLU B 45 -11.55 -12.48 19.81
CA GLU B 45 -12.04 -13.57 18.98
C GLU B 45 -11.73 -13.35 17.51
N GLY B 46 -11.02 -12.28 17.15
CA GLY B 46 -10.68 -12.02 15.78
C GLY B 46 -9.33 -12.59 15.38
N PRO B 47 -8.95 -12.38 14.13
CA PRO B 47 -7.71 -12.99 13.62
C PRO B 47 -6.45 -12.58 14.33
N ALA B 48 -6.43 -11.43 14.99
CA ALA B 48 -5.25 -10.92 15.63
C ALA B 48 -5.26 -11.12 17.14
N SER B 49 -6.31 -11.75 17.69
CA SER B 49 -6.52 -11.73 19.13
C SER B 49 -5.39 -12.41 19.90
N LYS B 50 -4.74 -13.40 19.31
CA LYS B 50 -3.66 -14.11 19.99
C LYS B 50 -2.29 -13.63 19.54
N LEU B 51 -2.24 -12.61 18.72
CA LEU B 51 -1.02 -12.22 18.03
C LEU B 51 -0.60 -10.79 18.29
N LEU B 52 -1.54 -9.85 18.43
CA LEU B 52 -1.23 -8.45 18.57
C LEU B 52 -1.80 -7.92 19.87
N GLN B 53 -1.23 -6.82 20.34
CA GLN B 53 -1.61 -6.16 21.58
C GLN B 53 -1.69 -4.67 21.35
N PRO B 54 -2.63 -4.00 22.03
CA PRO B 54 -2.62 -2.53 22.05
C PRO B 54 -1.23 -2.03 22.40
N GLY B 55 -0.77 -1.02 21.68
CA GLY B 55 0.55 -0.46 21.92
C GLY B 55 1.63 -0.98 21.00
N ASP B 56 1.37 -2.11 20.33
CA ASP B 56 2.31 -2.59 19.34
C ASP B 56 2.51 -1.54 18.27
N LYS B 57 3.76 -1.31 17.88
CA LYS B 57 4.06 -0.33 16.84
C LYS B 57 4.36 -1.11 15.57
N ILE B 58 3.59 -0.88 14.51
CA ILE B 58 3.83 -1.57 13.26
C ILE B 58 4.94 -0.87 12.51
N ILE B 59 6.01 -1.60 12.20
CA ILE B 59 7.09 -1.04 11.41
C ILE B 59 7.21 -1.65 10.02
N GLN B 60 6.51 -2.75 9.73
CA GLN B 60 6.56 -3.33 8.39
C GLN B 60 5.34 -4.20 8.18
N ALA B 61 4.81 -4.17 6.96
CA ALA B 61 3.69 -5.03 6.59
C ALA B 61 3.96 -5.57 5.20
N ASN B 62 4.02 -6.89 5.08
CA ASN B 62 4.36 -7.54 3.82
C ASN B 62 5.53 -6.85 3.12
N GLY B 63 6.55 -6.55 3.91
CA GLY B 63 7.78 -6.00 3.36
C GLY B 63 7.78 -4.49 3.16
N TYR B 64 6.65 -3.83 3.36
CA TYR B 64 6.58 -2.39 3.21
C TYR B 64 6.87 -1.73 4.55
N SER B 65 7.81 -0.80 4.57
CA SER B 65 8.09 -0.08 5.79
C SER B 65 6.92 0.81 6.18
N PHE B 66 6.56 0.77 7.46
CA PHE B 66 5.59 1.66 8.06
C PHE B 66 6.26 2.74 8.90
N ILE B 67 7.57 2.89 8.75
CA ILE B 67 8.29 4.03 9.31
C ILE B 67 8.02 5.23 8.40
N ASN B 68 7.56 6.32 9.00
CA ASN B 68 7.27 7.54 8.24
C ASN B 68 6.18 7.32 7.17
N ILE B 69 5.16 6.51 7.52
CA ILE B 69 3.99 6.31 6.66
C ILE B 69 2.85 7.18 7.19
N GLU B 70 2.00 7.68 6.29
CA GLU B 70 0.85 8.45 6.74
C GLU B 70 -0.30 7.53 7.15
N HIS B 71 -1.24 8.08 7.95
CA HIS B 71 -2.33 7.26 8.48
C HIS B 71 -3.14 6.61 7.36
N GLY B 72 -3.58 7.42 6.39
CA GLY B 72 -4.41 6.90 5.31
C GLY B 72 -3.68 5.90 4.45
N GLN B 73 -2.41 6.16 4.15
CA GLN B 73 -1.61 5.20 3.39
C GLN B 73 -1.52 3.86 4.12
N ALA B 74 -1.31 3.89 5.43
CA ALA B 74 -1.21 2.66 6.21
C ALA B 74 -2.53 1.92 6.16
N VAL B 75 -3.65 2.64 6.32
CA VAL B 75 -4.96 2.02 6.27
C VAL B 75 -5.20 1.42 4.90
N SER B 76 -4.97 2.20 3.85
N SER B 76 -5.00 2.20 3.84
CA SER B 76 -5.26 1.75 2.50
CA SER B 76 -5.27 1.72 2.50
C SER B 76 -4.45 0.52 2.12
C SER B 76 -4.47 0.47 2.20
N LEU B 77 -3.19 0.47 2.55
CA LEU B 77 -2.35 -0.67 2.26
C LEU B 77 -2.79 -1.91 3.02
N LEU B 78 -3.04 -1.79 4.33
CA LEU B 78 -3.49 -2.94 5.11
C LEU B 78 -4.82 -3.47 4.58
N LYS B 79 -5.72 -2.58 4.15
CA LYS B 79 -7.00 -3.03 3.60
C LYS B 79 -6.86 -3.64 2.21
N THR B 80 -5.87 -3.22 1.42
CA THR B 80 -5.74 -3.71 0.05
C THR B 80 -5.19 -5.12 -0.01
N PHE B 81 -4.31 -5.51 0.91
CA PHE B 81 -3.83 -6.89 0.91
C PHE B 81 -5.01 -7.85 1.06
N GLN B 82 -5.07 -8.86 0.19
CA GLN B 82 -6.26 -9.71 0.13
C GLN B 82 -6.33 -10.73 1.25
N ASN B 83 -5.19 -11.33 1.65
CA ASN B 83 -5.26 -12.37 2.66
C ASN B 83 -4.25 -12.22 3.79
N THR B 84 -3.08 -12.85 3.66
CA THR B 84 -2.13 -12.86 4.78
C THR B 84 -1.39 -11.53 4.85
N VAL B 85 -1.27 -10.99 6.06
CA VAL B 85 -0.43 -9.82 6.28
C VAL B 85 0.63 -10.22 7.30
N GLU B 86 1.88 -10.23 6.86
CA GLU B 86 3.00 -10.45 7.75
C GLU B 86 3.47 -9.12 8.31
N LEU B 87 3.37 -8.96 9.61
CA LEU B 87 3.75 -7.72 10.24
C LEU B 87 5.05 -7.88 11.00
N ILE B 88 5.84 -6.83 11.02
CA ILE B 88 6.87 -6.66 12.04
C ILE B 88 6.38 -5.56 12.97
N ILE B 89 6.30 -5.87 14.26
CA ILE B 89 5.85 -4.92 15.26
C ILE B 89 6.97 -4.76 16.29
N VAL B 90 6.96 -3.62 16.95
CA VAL B 90 7.81 -3.34 18.09
C VAL B 90 6.95 -3.41 19.34
N ARG B 91 7.34 -4.24 20.29
CA ARG B 91 6.61 -4.47 21.52
C ARG B 91 7.57 -4.43 22.68
N GLU B 92 7.13 -3.84 23.80
CA GLU B 92 7.88 -3.87 25.04
C GLU B 92 7.62 -5.22 25.70
N VAL B 93 8.66 -6.06 25.77
CA VAL B 93 8.57 -7.37 26.40
C VAL B 93 9.45 -7.41 27.65
N GLY C 2 8.57 -9.73 -16.46
CA GLY C 2 9.11 -9.56 -15.08
C GLY C 2 8.01 -9.38 -14.04
N TYR C 3 8.37 -9.52 -12.76
CA TYR C 3 7.39 -9.29 -11.70
C TYR C 3 7.19 -7.80 -11.48
N GLU C 4 8.26 -7.06 -11.16
CA GLU C 4 8.17 -5.64 -10.84
C GLU C 4 9.05 -4.87 -11.80
N THR C 5 8.49 -3.86 -12.44
CA THR C 5 9.21 -3.11 -13.47
C THR C 5 9.06 -1.63 -13.20
N TRP C 6 10.18 -0.91 -13.14
CA TRP C 6 10.20 0.52 -12.90
C TRP C 6 9.90 1.29 -14.16
N VAL C 7 9.09 2.32 -14.01
CA VAL C 7 8.67 3.17 -15.09
C VAL C 7 8.80 4.62 -14.65
N THR D 1 -7.88 13.20 8.51
CA THR D 1 -7.75 11.72 8.58
C THR D 1 -8.31 11.25 9.92
N GLY D 2 -8.74 9.99 9.99
CA GLY D 2 -9.35 9.50 11.21
C GLY D 2 -8.31 9.17 12.28
N TYR D 3 -8.79 9.13 13.53
CA TYR D 3 -7.89 8.86 14.64
C TYR D 3 -7.60 7.37 14.80
N GLU D 4 -8.64 6.55 14.78
CA GLU D 4 -8.51 5.10 14.95
C GLU D 4 -9.29 4.41 13.85
N THR D 5 -8.66 3.48 13.14
CA THR D 5 -9.30 2.85 12.00
C THR D 5 -9.14 1.35 12.07
N TRP D 6 -10.24 0.63 11.93
CA TRP D 6 -10.18 -0.82 11.90
C TRP D 6 -9.72 -1.31 10.54
N VAL D 7 -8.88 -2.35 10.57
CA VAL D 7 -8.37 -3.00 9.37
C VAL D 7 -8.52 -4.52 9.54
#